data_7VJL
#
_entry.id   7VJL
#
_cell.length_a   53.37
_cell.length_b   66.785
_cell.length_c   184.174
_cell.angle_alpha   90.0
_cell.angle_beta   90.0
_cell.angle_gamma   90.0
#
_symmetry.space_group_name_H-M   'P 21 21 21'
#
loop_
_entity.id
_entity.type
_entity.pdbx_description
1 polymer 'Fibroblast growth factor receptor 4'
2 non-polymer N-[5-(aminomethyl)-4-(2-methoxyethylamino)pyridin-2-yl]-7-[2,2,2-tris(fluoranyl)ethanoyl]-3,4-dihydro-2H-1,8-naphthyridine-1-carboxamide
#
_entity_poly.entity_id   1
_entity_poly.type   'polypeptide(L)'
_entity_poly.pdbx_seq_one_letter_code
;DLPLDPLWEFPRDRLVLGKPLGEGCFGQVVRAEAFGMDPARPDQASTVAVKMLKDNASDKDLADLVSEMEVMKLIGRHKN
IINLLGVCTQEGPLYVIVECAAKGNLREFLRARRPPGPDLSPDGPRSSEGPLSFPVLVSCAYQVARGMQYLESRKCIHRD
LAARNVLVTEDNVMKIADFGLARGVHHIDYYKKTSNGRLPVKWMAPEALFDRVYTHQSDVWSFGILLWEIFTLGGSPYPG
IPVEELFSLLREGHRMDRPPHCPPELYGLMRECWHAAPSQRPTFKQLVEALDKVLLAVSEE
;
_entity_poly.pdbx_strand_id   A,B
#
loop_
_chem_comp.id
_chem_comp.type
_chem_comp.name
_chem_comp.formula
7IF non-polymer N-[5-(aminomethyl)-4-(2-methoxyethylamino)pyridin-2-yl]-7-[2,2,2-tris(fluoranyl)ethanoyl]-3,4-dihydro-2H-1,8-naphthyridine-1-carboxamide 'C20 H23 F3 N6 O3'
#
# COMPACT_ATOMS: atom_id res chain seq x y z
N LEU A 2 -0.70 -5.45 25.09
CA LEU A 2 -0.33 -4.18 24.47
C LEU A 2 0.92 -3.59 25.12
N PRO A 3 1.97 -3.37 24.31
CA PRO A 3 3.24 -2.83 24.79
C PRO A 3 3.16 -1.35 25.16
N LEU A 4 4.12 -0.88 25.95
CA LEU A 4 4.17 0.53 26.34
C LEU A 4 5.01 1.33 25.35
N ASP A 5 4.46 2.42 24.86
CA ASP A 5 5.20 3.33 24.00
C ASP A 5 5.53 4.60 24.77
N PRO A 6 6.83 4.79 25.07
CA PRO A 6 7.29 5.95 25.83
C PRO A 6 7.01 7.26 25.10
N LEU A 7 6.72 7.16 23.81
CA LEU A 7 6.46 8.31 22.97
C LEU A 7 5.00 8.72 22.97
N TRP A 8 4.14 7.88 23.54
CA TRP A 8 2.70 8.13 23.49
C TRP A 8 1.94 7.73 24.77
N GLU A 9 2.58 6.98 25.65
CA GLU A 9 1.90 6.52 26.85
C GLU A 9 1.60 7.67 27.80
N PHE A 10 0.32 7.82 28.12
CA PHE A 10 -0.15 8.90 28.97
C PHE A 10 -0.83 8.31 30.21
N PRO A 11 -0.54 8.87 31.40
CA PRO A 11 -1.09 8.39 32.67
C PRO A 11 -2.60 8.57 32.78
N ARG A 12 -3.31 7.52 33.20
CA ARG A 12 -4.75 7.57 33.35
C ARG A 12 -5.18 8.50 34.47
N ASP A 13 -4.31 8.63 35.48
CA ASP A 13 -4.61 9.43 36.66
C ASP A 13 -4.76 10.92 36.35
N ARG A 14 -4.37 11.30 35.14
CA ARG A 14 -4.49 12.69 34.71
C ARG A 14 -5.57 12.84 33.64
N LEU A 15 -6.40 11.81 33.50
CA LEU A 15 -7.45 11.81 32.49
C LEU A 15 -8.82 11.60 33.12
N VAL A 16 -9.65 12.64 33.08
CA VAL A 16 -11.00 12.57 33.63
C VAL A 16 -12.03 12.50 32.51
N LEU A 17 -12.90 11.51 32.57
CA LEU A 17 -13.89 11.30 31.51
C LEU A 17 -15.22 12.00 31.82
N GLY A 18 -15.93 12.40 30.77
CA GLY A 18 -17.21 13.06 30.91
C GLY A 18 -18.29 12.39 30.08
N LYS A 19 -19.28 13.17 29.67
CA LYS A 19 -20.42 12.64 28.91
C LYS A 19 -19.99 12.06 27.57
N PRO A 20 -20.64 10.97 27.14
CA PRO A 20 -20.40 10.36 25.83
C PRO A 20 -20.63 11.34 24.69
N LEU A 21 -19.79 11.28 23.67
CA LEU A 21 -19.86 12.23 22.56
C LEU A 21 -20.18 11.51 21.25
N GLY A 22 -21.13 12.05 20.50
CA GLY A 22 -21.55 11.44 19.25
C GLY A 22 -22.46 10.24 19.49
N GLU A 23 -21.97 9.04 19.20
CA GLU A 23 -22.74 7.82 19.39
C GLU A 23 -21.82 6.60 19.48
N GLY A 24 -21.76 5.83 18.39
CA GLY A 24 -20.93 4.64 18.35
C GLY A 24 -19.70 4.83 17.49
N GLY A 27 -17.72 1.00 19.12
CA GLY A 27 -16.78 2.06 19.40
C GLY A 27 -17.39 3.20 20.19
N GLN A 28 -16.53 4.02 20.80
CA GLN A 28 -17.00 5.15 21.59
C GLN A 28 -16.02 6.32 21.58
N VAL A 29 -16.56 7.52 21.45
CA VAL A 29 -15.79 8.75 21.59
C VAL A 29 -16.38 9.56 22.73
N VAL A 30 -15.59 9.81 23.76
CA VAL A 30 -16.12 10.49 24.95
C VAL A 30 -15.49 11.85 25.19
N ARG A 31 -16.27 12.75 25.78
CA ARG A 31 -15.78 14.03 26.26
C ARG A 31 -14.85 13.78 27.45
N ALA A 32 -13.72 14.48 27.49
CA ALA A 32 -12.75 14.21 28.54
C ALA A 32 -11.96 15.45 28.97
N GLU A 33 -11.32 15.33 30.12
CA GLU A 33 -10.44 16.38 30.64
C GLU A 33 -9.06 15.80 30.85
N ALA A 34 -8.06 16.41 30.21
CA ALA A 34 -6.70 15.91 30.30
C ALA A 34 -5.80 16.88 31.08
N PHE A 35 -4.93 16.32 31.90
CA PHE A 35 -4.02 17.12 32.71
C PHE A 35 -2.57 16.85 32.35
N GLY A 36 -1.89 17.86 31.82
CA GLY A 36 -0.48 17.74 31.49
C GLY A 36 -0.21 17.17 30.12
N MET A 37 -1.15 17.34 29.20
CA MET A 37 -0.95 16.95 27.81
C MET A 37 0.23 17.70 27.22
N ASP A 38 0.34 18.99 27.58
CA ASP A 38 1.47 19.81 27.18
C ASP A 38 2.54 19.73 28.27
N PRO A 39 3.67 19.06 27.96
CA PRO A 39 4.77 18.85 28.90
C PRO A 39 5.34 20.13 29.50
N ALA A 40 5.12 21.26 28.83
CA ALA A 40 5.59 22.55 29.32
C ALA A 40 4.86 22.97 30.59
N ARG A 41 3.55 22.68 30.63
CA ARG A 41 2.74 22.97 31.81
C ARG A 41 1.94 21.75 32.23
N PRO A 42 2.55 20.89 33.07
CA PRO A 42 1.93 19.63 33.53
C PRO A 42 0.67 19.85 34.36
N ASP A 43 0.55 21.02 34.98
CA ASP A 43 -0.59 21.31 35.84
C ASP A 43 -1.72 21.99 35.09
N GLN A 44 -1.67 21.96 33.77
CA GLN A 44 -2.71 22.59 32.95
C GLN A 44 -3.79 21.58 32.57
N ALA A 45 -5.02 22.05 32.44
CA ALA A 45 -6.15 21.20 32.05
C ALA A 45 -6.68 21.58 30.67
N SER A 46 -6.78 20.59 29.79
CA SER A 46 -7.32 20.82 28.45
C SER A 46 -8.41 19.80 28.14
N THR A 47 -9.38 20.22 27.32
CA THR A 47 -10.48 19.33 26.94
C THR A 47 -10.11 18.50 25.72
N VAL A 48 -10.27 17.18 25.83
CA VAL A 48 -9.82 16.27 24.79
C VAL A 48 -10.89 15.24 24.41
N ALA A 49 -10.63 14.50 23.34
CA ALA A 49 -11.53 13.43 22.91
C ALA A 49 -10.86 12.07 23.09
N VAL A 50 -11.55 11.15 23.74
CA VAL A 50 -11.00 9.82 23.97
C VAL A 50 -11.78 8.76 23.22
N LYS A 51 -11.13 8.11 22.26
CA LYS A 51 -11.73 6.98 21.57
C LYS A 51 -11.46 5.71 22.36
N MET A 52 -12.53 5.07 22.84
CA MET A 52 -12.38 3.86 23.63
C MET A 52 -13.24 2.72 23.12
N LEU A 53 -13.01 1.53 23.66
CA LEU A 53 -13.73 0.33 23.24
C LEU A 53 -15.14 0.32 23.81
N ASP A 55 -17.95 -1.95 25.66
CA ASP A 55 -18.08 -2.94 26.71
C ASP A 55 -18.60 -4.26 26.16
N ASN A 56 -18.74 -4.32 24.84
CA ASN A 56 -19.29 -5.48 24.17
C ASN A 56 -18.54 -5.81 22.87
N ALA A 57 -17.23 -5.63 22.90
CA ALA A 57 -16.41 -5.83 21.70
C ALA A 57 -15.57 -7.10 21.79
N SER A 58 -15.25 -7.68 20.64
CA SER A 58 -14.48 -8.91 20.59
C SER A 58 -13.01 -8.64 20.28
N ASP A 61 -12.72 -6.21 18.39
CA ASP A 61 -12.65 -4.83 17.94
C ASP A 61 -11.47 -4.10 18.57
N LEU A 62 -10.83 -4.74 19.54
CA LEU A 62 -9.63 -4.20 20.16
C LEU A 62 -8.53 -4.04 19.12
N ALA A 63 -8.41 -5.04 18.25
CA ALA A 63 -7.41 -5.02 17.18
C ALA A 63 -7.68 -3.89 16.20
N ASP A 64 -8.96 -3.53 16.05
CA ASP A 64 -9.34 -2.42 15.17
C ASP A 64 -8.89 -1.09 15.76
N LEU A 65 -9.10 -0.92 17.06
CA LEU A 65 -8.72 0.31 17.75
C LEU A 65 -7.20 0.45 17.79
N VAL A 66 -6.51 -0.66 18.06
CA VAL A 66 -5.05 -0.68 18.09
C VAL A 66 -4.49 -0.35 16.72
N SER A 67 -5.12 -0.90 15.68
CA SER A 67 -4.71 -0.62 14.30
C SER A 67 -4.81 0.86 14.01
N GLU A 68 -5.94 1.46 14.37
CA GLU A 68 -6.15 2.89 14.17
C GLU A 68 -5.09 3.69 14.90
N MET A 69 -4.84 3.33 16.16
CA MET A 69 -3.83 4.00 16.98
C MET A 69 -2.47 4.03 16.29
N GLU A 70 -2.02 2.86 15.84
CA GLU A 70 -0.71 2.74 15.22
C GLU A 70 -0.65 3.45 13.87
N VAL A 71 -1.78 3.48 13.17
CA VAL A 71 -1.87 4.24 11.94
C VAL A 71 -1.71 5.72 12.23
N MET A 72 -2.36 6.18 13.29
CA MET A 72 -2.25 7.58 13.69
C MET A 72 -0.82 7.95 14.09
N LYS A 73 -0.14 7.04 14.78
CA LYS A 73 1.27 7.23 15.10
C LYS A 73 2.10 7.35 13.83
N LEU A 74 1.79 6.48 12.86
CA LEU A 74 2.55 6.38 11.62
C LEU A 74 2.38 7.60 10.71
N ILE A 75 1.13 8.06 10.57
CA ILE A 75 0.82 9.20 9.71
C ILE A 75 1.57 10.45 10.16
N GLY A 76 1.59 10.69 11.46
CA GLY A 76 2.20 11.90 12.00
C GLY A 76 1.15 12.95 12.26
N ARG A 77 1.57 14.14 12.68
CA ARG A 77 0.62 15.19 12.99
C ARG A 77 0.55 16.25 11.91
N HIS A 78 -0.62 16.89 11.81
CA HIS A 78 -0.84 17.94 10.84
C HIS A 78 -1.96 18.83 11.34
N LYS A 79 -1.89 20.12 11.03
CA LYS A 79 -2.88 21.10 11.46
C LYS A 79 -4.31 20.66 11.11
N ASN A 80 -4.45 20.06 9.93
CA ASN A 80 -5.78 19.79 9.38
C ASN A 80 -6.25 18.35 9.49
N ILE A 81 -5.73 17.62 10.47
CA ILE A 81 -6.24 16.29 10.75
C ILE A 81 -6.44 16.11 12.26
N ILE A 82 -7.32 15.18 12.64
CA ILE A 82 -7.53 14.88 14.05
C ILE A 82 -6.33 14.11 14.59
N ASN A 83 -5.49 14.81 15.34
CA ASN A 83 -4.21 14.26 15.77
C ASN A 83 -4.28 13.47 17.08
N LEU A 84 -3.39 12.49 17.21
CA LEU A 84 -3.26 11.71 18.44
C LEU A 84 -2.52 12.52 19.49
N LEU A 85 -3.07 12.56 20.70
CA LEU A 85 -2.47 13.32 21.79
C LEU A 85 -1.71 12.41 22.74
N GLY A 86 -2.36 11.32 23.15
CA GLY A 86 -1.75 10.33 24.01
C GLY A 86 -2.57 9.06 24.03
N VAL A 87 -2.00 8.00 24.59
CA VAL A 87 -2.71 6.73 24.69
C VAL A 87 -2.54 6.11 26.08
N CYS A 88 -3.56 5.37 26.52
CA CYS A 88 -3.52 4.68 27.80
C CYS A 88 -3.65 3.17 27.57
N THR A 89 -2.52 2.48 27.50
CA THR A 89 -2.52 1.05 27.21
C THR A 89 -2.27 0.23 28.47
N GLN A 90 -1.74 0.88 29.51
CA GLN A 90 -1.39 0.18 30.73
C GLN A 90 -2.32 0.53 31.89
N GLU A 91 -2.53 -0.44 32.77
CA GLU A 91 -3.30 -0.25 34.01
C GLU A 91 -4.78 0.08 33.76
N GLY A 92 -5.40 -0.57 32.78
CA GLY A 92 -6.81 -0.38 32.51
C GLY A 92 -7.19 -0.55 31.05
N PRO A 93 -8.41 -0.12 30.68
CA PRO A 93 -8.92 -0.22 29.31
C PRO A 93 -8.17 0.67 28.32
N LEU A 94 -8.23 0.35 27.04
CA LEU A 94 -7.50 1.09 26.03
C LEU A 94 -8.15 2.45 25.73
N TYR A 95 -7.36 3.51 25.86
CA TYR A 95 -7.83 4.86 25.56
C TYR A 95 -7.01 5.49 24.44
N VAL A 96 -7.69 6.02 23.43
CA VAL A 96 -7.01 6.73 22.35
C VAL A 96 -7.42 8.20 22.39
N ILE A 97 -6.53 9.04 22.92
CA ILE A 97 -6.84 10.45 23.11
C ILE A 97 -6.44 11.28 21.90
N VAL A 98 -7.41 11.97 21.32
CA VAL A 98 -7.19 12.76 20.13
C VAL A 98 -7.68 14.19 20.31
N GLU A 99 -7.30 15.07 19.40
CA GLU A 99 -7.70 16.47 19.44
C GLU A 99 -9.22 16.61 19.42
N CYS A 100 -9.72 17.72 19.96
CA CYS A 100 -11.16 17.98 19.93
C CYS A 100 -11.54 19.00 18.87
N ALA A 101 -12.79 18.91 18.45
CA ALA A 101 -13.39 19.88 17.55
C ALA A 101 -14.71 20.34 18.17
N ALA A 102 -14.67 21.47 18.87
CA ALA A 102 -15.80 21.90 19.69
C ALA A 102 -17.04 22.25 18.87
N LYS A 103 -16.87 22.44 17.56
CA LYS A 103 -17.97 22.89 16.73
C LYS A 103 -18.50 21.80 15.80
N GLY A 104 -18.16 20.55 16.09
CA GLY A 104 -18.67 19.42 15.33
C GLY A 104 -18.16 19.35 13.90
N ASN A 105 -18.87 18.58 13.06
CA ASN A 105 -18.46 18.38 11.68
C ASN A 105 -18.75 19.59 10.80
N LEU A 106 -18.09 19.64 9.65
CA LEU A 106 -18.19 20.78 8.75
C LEU A 106 -19.59 20.99 8.19
N ARG A 107 -20.30 19.89 7.92
CA ARG A 107 -21.64 19.97 7.35
C ARG A 107 -22.60 20.75 8.25
N GLU A 108 -22.71 20.31 9.51
CA GLU A 108 -23.59 20.97 10.47
C GLU A 108 -23.10 22.37 10.80
N PHE A 109 -21.79 22.54 10.78
CA PHE A 109 -21.16 23.84 11.04
C PHE A 109 -21.57 24.87 10.02
N LEU A 110 -21.68 24.45 8.76
CA LEU A 110 -22.06 25.34 7.67
C LEU A 110 -23.55 25.64 7.68
N ARG A 111 -24.35 24.62 8.00
CA ARG A 111 -25.80 24.76 7.96
C ARG A 111 -26.29 25.72 9.04
N ALA A 112 -25.62 25.69 10.19
CA ALA A 112 -25.97 26.55 11.30
C ALA A 112 -25.68 28.01 10.99
N ARG A 113 -24.72 28.24 10.11
CA ARG A 113 -24.33 29.60 9.73
C ARG A 113 -24.81 29.98 8.33
N ARG A 114 -26.08 29.67 8.05
CA ARG A 114 -26.67 29.92 6.75
C ARG A 114 -27.51 31.20 6.71
N PRO A 115 -27.39 31.97 5.63
CA PRO A 115 -28.24 33.14 5.38
C PRO A 115 -29.65 32.73 4.97
N PRO A 116 -30.66 33.55 5.30
CA PRO A 116 -32.06 33.28 4.94
C PRO A 116 -32.24 33.15 3.42
N GLY A 130 -24.99 36.49 6.66
CA GLY A 130 -24.03 35.45 6.35
C GLY A 130 -22.83 35.47 7.27
N PRO A 131 -22.94 34.80 8.43
CA PRO A 131 -21.89 34.74 9.46
C PRO A 131 -20.55 34.25 8.91
N LEU A 132 -20.59 33.46 7.85
CA LEU A 132 -19.37 33.01 7.20
C LEU A 132 -19.12 33.79 5.91
N SER A 133 -18.09 34.63 5.94
CA SER A 133 -17.69 35.38 4.76
C SER A 133 -17.16 34.41 3.71
N PHE A 134 -17.13 34.86 2.47
CA PHE A 134 -16.65 34.01 1.38
C PHE A 134 -15.18 33.59 1.52
N PRO A 135 -14.28 34.52 1.95
CA PRO A 135 -12.90 34.07 2.15
C PRO A 135 -12.75 32.94 3.18
N VAL A 136 -13.65 32.91 4.17
CA VAL A 136 -13.62 31.86 5.18
C VAL A 136 -14.01 30.52 4.57
N LEU A 137 -14.99 30.53 3.66
CA LEU A 137 -15.40 29.32 2.96
C LEU A 137 -14.24 28.74 2.16
N VAL A 138 -13.57 29.60 1.39
CA VAL A 138 -12.44 29.16 0.58
C VAL A 138 -11.33 28.62 1.49
N SER A 139 -11.19 29.24 2.66
CA SER A 139 -10.23 28.78 3.65
C SER A 139 -10.55 27.35 4.10
N CYS A 140 -11.82 27.12 4.45
CA CYS A 140 -12.28 25.79 4.82
C CYS A 140 -11.89 24.74 3.79
N ALA A 141 -12.14 25.04 2.53
CA ALA A 141 -11.81 24.13 1.44
C ALA A 141 -10.30 23.93 1.33
N TYR A 142 -9.57 25.04 1.40
CA TYR A 142 -8.12 25.02 1.31
C TYR A 142 -7.52 24.13 2.38
N GLN A 143 -8.01 24.27 3.61
CA GLN A 143 -7.49 23.50 4.73
C GLN A 143 -7.68 22.00 4.54
N VAL A 144 -8.88 21.61 4.14
CA VAL A 144 -9.19 20.21 3.87
C VAL A 144 -8.28 19.67 2.78
N ALA A 145 -8.07 20.47 1.74
CA ALA A 145 -7.16 20.12 0.65
C ALA A 145 -5.74 19.93 1.14
N ARG A 146 -5.36 20.69 2.16
CA ARG A 146 -4.03 20.59 2.75
C ARG A 146 -3.89 19.29 3.54
N GLY A 147 -4.90 19.00 4.34
CA GLY A 147 -4.92 17.78 5.13
C GLY A 147 -4.90 16.54 4.26
N MET A 148 -5.62 16.58 3.14
CA MET A 148 -5.67 15.45 2.22
C MET A 148 -4.32 15.23 1.54
N GLN A 149 -3.67 16.32 1.13
CA GLN A 149 -2.36 16.24 0.50
C GLN A 149 -1.37 15.56 1.45
N TYR A 150 -1.45 15.94 2.72
CA TYR A 150 -0.59 15.34 3.73
C TYR A 150 -0.91 13.86 3.88
N LEU A 151 -2.20 13.54 4.02
CA LEU A 151 -2.63 12.16 4.16
C LEU A 151 -2.17 11.31 2.97
N GLU A 152 -2.26 11.89 1.78
CA GLU A 152 -1.80 11.22 0.57
C GLU A 152 -0.32 10.89 0.66
N SER A 153 0.49 11.89 1.01
CA SER A 153 1.93 11.72 1.09
C SER A 153 2.33 10.71 2.17
N ARG A 154 1.44 10.51 3.14
CA ARG A 154 1.69 9.54 4.20
C ARG A 154 1.03 8.21 3.87
N LYS A 155 0.71 8.03 2.58
CA LYS A 155 0.14 6.79 2.06
C LYS A 155 -1.13 6.39 2.81
N CYS A 156 -2.19 7.16 2.62
CA CYS A 156 -3.47 6.88 3.28
C CYS A 156 -4.65 7.29 2.41
N ILE A 157 -5.45 6.30 2.01
CA ILE A 157 -6.69 6.54 1.29
C ILE A 157 -7.85 6.52 2.30
N HIS A 158 -8.86 7.37 2.10
CA HIS A 158 -9.87 7.54 3.13
C HIS A 158 -10.93 6.40 3.15
N ARG A 159 -11.68 6.13 2.08
CA ARG A 159 -11.79 6.92 0.86
C ARG A 159 -13.05 7.76 0.97
N ASP A 160 -13.73 7.64 2.11
CA ASP A 160 -14.97 8.33 2.37
C ASP A 160 -14.74 9.75 2.86
N LEU A 161 -14.38 10.65 1.94
CA LEU A 161 -14.22 12.05 2.28
C LEU A 161 -15.53 12.81 2.04
N ALA A 162 -16.03 13.42 3.10
CA ALA A 162 -17.27 14.18 3.03
C ALA A 162 -17.25 15.27 4.09
N ALA A 163 -18.25 16.14 4.07
CA ALA A 163 -18.32 17.22 5.05
C ALA A 163 -18.60 16.67 6.43
N ARG A 164 -19.32 15.55 6.49
CA ARG A 164 -19.66 14.92 7.76
C ARG A 164 -18.43 14.30 8.43
N ASN A 165 -17.34 14.24 7.68
CA ASN A 165 -16.09 13.65 8.18
C ASN A 165 -15.05 14.72 8.50
N VAL A 166 -15.32 15.96 8.11
CA VAL A 166 -14.42 17.06 8.43
C VAL A 166 -14.92 17.78 9.67
N LEU A 167 -14.06 17.87 10.68
CA LEU A 167 -14.46 18.45 11.96
C LEU A 167 -13.98 19.88 12.12
N VAL A 168 -14.71 20.67 12.90
CA VAL A 168 -14.37 22.08 13.10
C VAL A 168 -14.02 22.39 14.57
N THR A 169 -12.82 22.91 14.79
CA THR A 169 -12.39 23.31 16.13
C THR A 169 -12.85 24.72 16.46
N GLU A 170 -12.64 25.13 17.71
CA GLU A 170 -13.05 26.45 18.16
C GLU A 170 -12.36 27.58 17.40
N ASP A 171 -11.20 27.28 16.82
CA ASP A 171 -10.45 28.27 16.05
C ASP A 171 -10.81 28.22 14.56
N ASN A 172 -11.93 27.57 14.25
CA ASN A 172 -12.37 27.37 12.88
C ASN A 172 -11.33 26.66 12.02
N VAL A 173 -10.57 25.77 12.65
CA VAL A 173 -9.61 24.96 11.93
C VAL A 173 -10.27 23.69 11.41
N MET A 174 -10.19 23.46 10.12
CA MET A 174 -10.68 22.22 9.53
C MET A 174 -9.78 21.07 9.97
N LYS A 175 -10.39 19.98 10.41
CA LYS A 175 -9.64 18.79 10.78
C LYS A 175 -10.33 17.53 10.27
N ILE A 176 -9.64 16.85 9.37
CA ILE A 176 -10.13 15.60 8.80
C ILE A 176 -10.11 14.48 9.83
N ALA A 177 -11.22 13.77 9.96
CA ALA A 177 -11.33 12.66 10.89
C ALA A 177 -11.52 11.34 10.15
N ASP A 178 -11.43 10.24 10.90
CA ASP A 178 -11.65 8.89 10.38
C ASP A 178 -10.73 8.55 9.22
N PHE A 179 -9.47 8.96 9.32
CA PHE A 179 -8.46 8.59 8.34
C PHE A 179 -7.72 7.34 8.80
N GLY A 180 -8.34 6.58 9.70
CA GLY A 180 -7.75 5.36 10.22
C GLY A 180 -8.42 4.11 9.68
N PRO A 200 -23.43 6.32 1.08
CA PRO A 200 -22.20 7.03 0.76
C PRO A 200 -21.97 7.11 -0.74
N VAL A 201 -22.93 6.57 -1.49
CA VAL A 201 -22.87 6.51 -2.95
C VAL A 201 -22.67 7.88 -3.59
N LYS A 202 -23.34 8.89 -3.04
CA LYS A 202 -23.27 10.26 -3.55
C LYS A 202 -21.85 10.82 -3.54
N TRP A 203 -20.98 10.25 -2.72
CA TRP A 203 -19.63 10.76 -2.58
C TRP A 203 -18.59 9.91 -3.32
N MET A 204 -18.99 8.72 -3.74
CA MET A 204 -18.04 7.78 -4.33
C MET A 204 -17.77 8.03 -5.83
N ALA A 205 -16.50 7.92 -6.19
CA ALA A 205 -16.09 7.97 -7.59
C ALA A 205 -16.66 6.75 -8.33
N PRO A 206 -16.87 6.89 -9.65
CA PRO A 206 -17.42 5.80 -10.46
C PRO A 206 -16.62 4.50 -10.35
N GLU A 207 -15.30 4.57 -10.43
CA GLU A 207 -14.49 3.36 -10.39
C GLU A 207 -14.57 2.68 -9.03
N ALA A 208 -14.93 3.45 -8.00
CA ALA A 208 -15.12 2.89 -6.67
C ALA A 208 -16.47 2.22 -6.55
N LEU A 209 -17.50 2.87 -7.07
CA LEU A 209 -18.87 2.36 -7.04
C LEU A 209 -18.99 1.00 -7.72
N PHE A 210 -18.69 0.97 -9.01
CA PHE A 210 -18.92 -0.21 -9.82
C PHE A 210 -17.79 -1.24 -9.66
N ASP A 211 -16.55 -0.77 -9.62
CA ASP A 211 -15.40 -1.67 -9.73
C ASP A 211 -14.66 -1.90 -8.41
N ARG A 212 -15.09 -1.22 -7.35
CA ARG A 212 -14.45 -1.32 -6.03
C ARG A 212 -12.98 -0.91 -6.06
N VAL A 213 -12.64 0.07 -6.87
CA VAL A 213 -11.27 0.53 -7.00
C VAL A 213 -11.07 1.85 -6.26
N TYR A 214 -10.32 1.80 -5.15
CA TYR A 214 -10.11 2.97 -4.31
C TYR A 214 -8.68 3.51 -4.41
N THR A 215 -8.53 4.76 -4.83
CA THR A 215 -7.22 5.37 -5.03
C THR A 215 -7.17 6.81 -4.52
N HIS A 216 -6.01 7.43 -4.68
CA HIS A 216 -5.85 8.85 -4.37
C HIS A 216 -6.79 9.67 -5.23
N GLN A 217 -6.97 9.24 -6.47
CA GLN A 217 -7.80 9.96 -7.43
C GLN A 217 -9.29 9.79 -7.15
N SER A 218 -9.64 8.71 -6.46
CA SER A 218 -11.01 8.52 -6.01
C SER A 218 -11.30 9.46 -4.85
N ASP A 219 -10.27 9.72 -4.04
CA ASP A 219 -10.38 10.70 -2.95
C ASP A 219 -10.62 12.10 -3.50
N VAL A 220 -9.98 12.39 -4.64
CA VAL A 220 -10.12 13.69 -5.30
C VAL A 220 -11.54 13.90 -5.80
N TRP A 221 -12.15 12.84 -6.32
CA TRP A 221 -13.56 12.88 -6.71
C TRP A 221 -14.41 13.31 -5.53
N SER A 222 -14.23 12.62 -4.40
CA SER A 222 -14.98 12.92 -3.19
C SER A 222 -14.73 14.36 -2.75
N PHE A 223 -13.50 14.83 -2.93
CA PHE A 223 -13.17 16.20 -2.55
C PHE A 223 -13.97 17.19 -3.38
N GLY A 224 -14.26 16.81 -4.62
CA GLY A 224 -15.11 17.63 -5.47
C GLY A 224 -16.50 17.75 -4.87
N ILE A 225 -17.00 16.65 -4.33
CA ILE A 225 -18.31 16.65 -3.68
C ILE A 225 -18.27 17.50 -2.41
N LEU A 226 -17.19 17.38 -1.65
CA LEU A 226 -17.02 18.19 -0.45
C LEU A 226 -16.99 19.68 -0.80
N LEU A 227 -16.31 20.02 -1.90
CA LEU A 227 -16.33 21.40 -2.40
C LEU A 227 -17.76 21.87 -2.57
N TRP A 228 -18.54 21.07 -3.28
CA TRP A 228 -19.93 21.39 -3.51
C TRP A 228 -20.69 21.48 -2.19
N GLU A 229 -20.32 20.63 -1.24
CA GLU A 229 -20.93 20.66 0.08
C GLU A 229 -20.68 22.00 0.78
N ILE A 230 -19.45 22.50 0.64
CA ILE A 230 -19.04 23.73 1.31
C ILE A 230 -19.75 24.95 0.74
N PHE A 231 -19.71 25.08 -0.58
CA PHE A 231 -20.21 26.30 -1.23
C PHE A 231 -21.70 26.25 -1.45
N THR A 232 -22.34 25.20 -0.92
CA THR A 232 -23.79 25.18 -0.75
C THR A 232 -24.11 25.35 0.73
N LEU A 233 -23.08 25.65 1.50
CA LEU A 233 -23.18 25.81 2.94
C LEU A 233 -23.80 24.59 3.62
N GLY A 234 -23.33 23.41 3.23
CA GLY A 234 -23.82 22.17 3.81
C GLY A 234 -24.99 21.54 3.06
N GLY A 235 -25.00 21.67 1.75
CA GLY A 235 -26.05 21.10 0.94
C GLY A 235 -25.90 19.61 0.72
N SER A 236 -27.02 18.92 0.51
CA SER A 236 -27.01 17.50 0.17
C SER A 236 -26.82 17.34 -1.33
N PRO A 237 -25.76 16.60 -1.73
CA PRO A 237 -25.39 16.41 -3.13
C PRO A 237 -26.51 15.78 -3.95
N TYR A 238 -26.56 16.14 -5.24
CA TYR A 238 -27.57 15.61 -6.16
C TYR A 238 -28.97 15.70 -5.58
N PRO A 239 -29.46 16.92 -5.36
CA PRO A 239 -30.76 17.13 -4.69
C PRO A 239 -31.92 16.52 -5.46
N GLY A 240 -32.78 15.79 -4.76
CA GLY A 240 -33.99 15.24 -5.34
C GLY A 240 -33.76 14.16 -6.38
N ILE A 241 -32.55 13.60 -6.41
CA ILE A 241 -32.24 12.54 -7.36
C ILE A 241 -32.07 11.19 -6.67
N PRO A 242 -32.91 10.22 -7.03
CA PRO A 242 -32.81 8.84 -6.51
C PRO A 242 -31.43 8.27 -6.77
N VAL A 243 -30.87 7.57 -5.80
CA VAL A 243 -29.49 7.09 -5.89
C VAL A 243 -29.30 6.08 -7.03
N GLU A 244 -30.36 5.37 -7.40
CA GLU A 244 -30.27 4.40 -8.48
C GLU A 244 -30.15 5.12 -9.83
N GLU A 245 -30.66 6.35 -9.88
CA GLU A 245 -30.59 7.15 -11.08
C GLU A 245 -29.25 7.88 -11.19
N LEU A 246 -28.52 7.95 -10.08
CA LEU A 246 -27.25 8.65 -10.03
C LEU A 246 -26.22 8.05 -10.99
N PHE A 247 -26.07 6.73 -10.94
CA PHE A 247 -25.08 6.05 -11.77
C PHE A 247 -25.32 6.32 -13.26
N SER A 248 -26.59 6.26 -13.65
CA SER A 248 -26.96 6.53 -15.04
C SER A 248 -26.59 7.96 -15.42
N LEU A 249 -26.90 8.90 -14.54
CA LEU A 249 -26.61 10.31 -14.77
C LEU A 249 -25.11 10.54 -14.92
N LEU A 250 -24.34 9.95 -14.00
CA LEU A 250 -22.88 10.04 -14.07
C LEU A 250 -22.36 9.40 -15.35
N ARG A 251 -22.88 8.22 -15.67
CA ARG A 251 -22.48 7.51 -16.88
C ARG A 251 -22.86 8.26 -18.15
N GLU A 252 -23.92 9.06 -18.06
CA GLU A 252 -24.38 9.84 -19.20
C GLU A 252 -23.62 11.15 -19.30
N GLY A 253 -22.66 11.34 -18.41
CA GLY A 253 -21.78 12.49 -18.45
C GLY A 253 -22.30 13.69 -17.68
N HIS A 254 -23.41 13.51 -16.97
CA HIS A 254 -24.01 14.59 -16.20
C HIS A 254 -23.35 14.76 -14.84
N ARG A 255 -23.29 16.01 -14.38
CA ARG A 255 -22.76 16.35 -13.07
C ARG A 255 -23.70 17.33 -12.37
N MET A 256 -23.41 17.66 -11.12
CA MET A 256 -24.17 18.65 -10.39
C MET A 256 -24.00 20.04 -10.99
N ASP A 257 -25.03 20.87 -10.86
CA ASP A 257 -24.97 22.24 -11.34
C ASP A 257 -24.13 23.12 -10.42
N ARG A 258 -23.79 24.30 -10.90
CA ARG A 258 -23.07 25.28 -10.10
C ARG A 258 -24.00 25.83 -9.01
N PRO A 259 -23.53 25.83 -7.75
CA PRO A 259 -24.26 26.43 -6.63
C PRO A 259 -24.54 27.91 -6.87
N PRO A 260 -25.71 28.40 -6.42
CA PRO A 260 -26.27 29.73 -6.71
C PRO A 260 -25.26 30.87 -6.76
N HIS A 261 -24.43 31.02 -5.73
CA HIS A 261 -23.47 32.11 -5.70
C HIS A 261 -22.04 31.61 -5.63
N CYS A 262 -21.75 30.60 -6.44
CA CYS A 262 -20.40 30.06 -6.51
C CYS A 262 -19.67 30.59 -7.73
N PRO A 263 -18.41 31.01 -7.56
CA PRO A 263 -17.60 31.51 -8.66
C PRO A 263 -17.23 30.42 -9.66
N PRO A 264 -17.03 30.79 -10.93
CA PRO A 264 -16.67 29.82 -11.98
C PRO A 264 -15.40 29.03 -11.65
N GLU A 265 -14.37 29.70 -11.13
CA GLU A 265 -13.11 29.04 -10.80
C GLU A 265 -13.30 27.87 -9.84
N LEU A 266 -14.08 28.09 -8.77
CA LEU A 266 -14.30 27.04 -7.78
C LEU A 266 -15.21 25.94 -8.32
N TYR A 267 -16.13 26.31 -9.20
CA TYR A 267 -16.98 25.29 -9.83
C TYR A 267 -16.17 24.50 -10.83
N GLY A 268 -15.25 25.18 -11.51
CA GLY A 268 -14.37 24.53 -12.46
C GLY A 268 -13.49 23.48 -11.80
N LEU A 269 -13.11 23.73 -10.55
CA LEU A 269 -12.32 22.77 -9.79
C LEU A 269 -13.15 21.53 -9.46
N MET A 270 -14.41 21.77 -9.08
CA MET A 270 -15.34 20.68 -8.82
C MET A 270 -15.44 19.78 -10.04
N ARG A 271 -15.61 20.40 -11.21
CA ARG A 271 -15.81 19.68 -12.46
C ARG A 271 -14.57 18.89 -12.86
N GLU A 272 -13.39 19.37 -12.48
CA GLU A 272 -12.16 18.67 -12.80
C GLU A 272 -11.99 17.45 -11.90
N CYS A 273 -12.47 17.56 -10.66
CA CYS A 273 -12.48 16.43 -9.75
C CYS A 273 -13.43 15.35 -10.24
N TRP A 274 -14.46 15.77 -10.96
CA TRP A 274 -15.53 14.86 -11.37
C TRP A 274 -15.33 14.31 -12.79
N HIS A 275 -14.09 14.33 -13.26
CA HIS A 275 -13.78 13.72 -14.55
C HIS A 275 -13.93 12.20 -14.46
N ALA A 276 -14.41 11.58 -15.52
CA ALA A 276 -14.56 10.13 -15.55
C ALA A 276 -13.20 9.45 -15.40
N ALA A 277 -12.24 9.87 -16.22
CA ALA A 277 -10.88 9.36 -16.15
C ALA A 277 -10.16 9.90 -14.91
N PRO A 278 -9.72 9.00 -14.03
CA PRO A 278 -9.00 9.36 -12.81
C PRO A 278 -7.73 10.17 -13.07
N SER A 279 -7.01 9.84 -14.14
CA SER A 279 -5.77 10.51 -14.45
C SER A 279 -6.01 11.94 -14.94
N GLN A 280 -7.24 12.23 -15.33
CA GLN A 280 -7.60 13.56 -15.80
C GLN A 280 -8.12 14.43 -14.66
N ARG A 281 -8.18 13.86 -13.47
CA ARG A 281 -8.52 14.61 -12.27
C ARG A 281 -7.28 15.27 -11.70
N PRO A 282 -7.45 16.40 -10.99
CA PRO A 282 -6.30 17.07 -10.39
C PRO A 282 -5.68 16.23 -9.28
N THR A 283 -4.42 16.50 -8.95
CA THR A 283 -3.82 15.95 -7.74
C THR A 283 -4.11 16.93 -6.61
N PHE A 284 -4.00 16.48 -5.37
CA PHE A 284 -4.25 17.36 -4.23
C PHE A 284 -3.27 18.52 -4.20
N LYS A 285 -2.06 18.31 -4.72
CA LYS A 285 -1.08 19.38 -4.82
C LYS A 285 -1.60 20.52 -5.68
N GLN A 286 -2.18 20.17 -6.83
CA GLN A 286 -2.75 21.15 -7.75
C GLN A 286 -3.98 21.81 -7.13
N LEU A 287 -4.76 21.04 -6.38
CA LEU A 287 -5.95 21.53 -5.71
C LEU A 287 -5.58 22.54 -4.61
N VAL A 288 -4.50 22.24 -3.89
CA VAL A 288 -4.03 23.12 -2.83
C VAL A 288 -3.56 24.45 -3.42
N GLU A 289 -2.79 24.37 -4.50
CA GLU A 289 -2.29 25.57 -5.16
C GLU A 289 -3.44 26.39 -5.76
N ALA A 290 -4.38 25.70 -6.40
CA ALA A 290 -5.51 26.37 -7.03
C ALA A 290 -6.39 27.08 -6.00
N LEU A 291 -6.61 26.42 -4.88
CA LEU A 291 -7.42 26.98 -3.80
C LEU A 291 -6.69 28.09 -3.06
N ASP A 292 -5.37 27.98 -2.97
CA ASP A 292 -4.57 29.04 -2.35
C ASP A 292 -4.63 30.28 -3.23
N LYS A 293 -4.62 30.06 -4.54
CA LYS A 293 -4.70 31.14 -5.52
C LYS A 293 -5.99 31.94 -5.34
N VAL A 294 -7.09 31.23 -5.08
CA VAL A 294 -8.38 31.87 -4.88
C VAL A 294 -8.44 32.52 -3.51
N LEU A 295 -8.03 31.78 -2.49
CA LEU A 295 -8.03 32.26 -1.11
C LEU A 295 -7.34 33.62 -1.00
N LEU A 296 -6.11 33.69 -1.51
CA LEU A 296 -5.34 34.91 -1.42
C LEU A 296 -6.01 36.04 -2.19
N ALA A 297 -6.61 35.71 -3.32
CA ALA A 297 -7.27 36.70 -4.17
C ALA A 297 -8.54 37.24 -3.52
N VAL A 298 -9.40 36.34 -3.06
CA VAL A 298 -10.69 36.72 -2.46
C VAL A 298 -10.47 37.57 -1.20
N SER A 299 -9.37 37.31 -0.49
CA SER A 299 -9.06 38.01 0.76
C SER A 299 -8.87 39.51 0.57
N GLU A 300 -8.68 39.93 -0.68
CA GLU A 300 -8.56 41.34 -1.00
C GLU A 300 -9.89 42.05 -0.75
N GLU A 301 -10.86 41.80 -1.62
CA GLU A 301 -12.19 42.40 -1.50
C GLU A 301 -13.24 41.54 -2.21
N ASP B 1 22.28 -9.27 -33.78
CA ASP B 1 21.80 -10.34 -34.64
C ASP B 1 20.27 -10.33 -34.75
N LEU B 2 19.60 -10.75 -33.67
CA LEU B 2 18.15 -10.77 -33.60
C LEU B 2 17.45 -11.50 -34.74
N PRO B 3 17.56 -12.85 -34.78
CA PRO B 3 16.80 -13.60 -35.77
C PRO B 3 15.36 -13.81 -35.34
N LEU B 4 14.45 -13.92 -36.30
CA LEU B 4 13.03 -14.13 -35.99
C LEU B 4 12.78 -15.57 -35.52
N ASP B 5 12.15 -15.70 -34.36
CA ASP B 5 11.89 -17.01 -33.76
C ASP B 5 10.41 -17.37 -33.81
N PRO B 6 10.07 -18.37 -34.63
CA PRO B 6 8.69 -18.85 -34.83
C PRO B 6 8.00 -19.25 -33.53
N LEU B 7 8.78 -19.69 -32.56
CA LEU B 7 8.24 -20.18 -31.29
C LEU B 7 7.83 -19.04 -30.35
N TRP B 8 8.35 -17.84 -30.57
CA TRP B 8 8.17 -16.76 -29.61
C TRP B 8 7.71 -15.43 -30.20
N GLU B 9 7.84 -15.26 -31.51
CA GLU B 9 7.46 -14.00 -32.14
C GLU B 9 5.96 -13.72 -31.97
N PHE B 10 5.66 -12.53 -31.46
CA PHE B 10 4.28 -12.13 -31.21
C PHE B 10 3.98 -10.84 -31.96
N PRO B 11 2.81 -10.77 -32.62
CA PRO B 11 2.45 -9.60 -33.42
C PRO B 11 2.43 -8.31 -32.61
N ARG B 12 3.19 -7.33 -33.04
CA ARG B 12 3.33 -6.06 -32.34
C ARG B 12 2.00 -5.31 -32.29
N ASP B 13 1.16 -5.54 -33.28
CA ASP B 13 -0.13 -4.85 -33.37
C ASP B 13 -1.20 -5.45 -32.47
N ARG B 14 -0.86 -6.55 -31.78
CA ARG B 14 -1.79 -7.13 -30.82
C ARG B 14 -1.36 -6.72 -29.41
N LEU B 15 -0.48 -5.73 -29.34
CA LEU B 15 0.11 -5.33 -28.09
C LEU B 15 0.04 -3.82 -27.91
N VAL B 16 -0.91 -3.35 -27.12
CA VAL B 16 -1.04 -1.91 -26.86
C VAL B 16 -0.42 -1.56 -25.49
N LEU B 17 0.61 -0.72 -25.52
CA LEU B 17 1.37 -0.36 -24.33
C LEU B 17 0.64 0.65 -23.45
N GLY B 18 0.96 0.63 -22.16
CA GLY B 18 0.36 1.53 -21.20
C GLY B 18 1.42 2.23 -20.37
N LYS B 19 1.09 2.54 -19.11
CA LYS B 19 2.03 3.26 -18.24
C LYS B 19 3.12 2.32 -17.74
N PRO B 20 4.36 2.85 -17.63
CA PRO B 20 5.52 2.09 -17.17
C PRO B 20 5.40 1.61 -15.72
N LEU B 21 6.24 0.65 -15.34
CA LEU B 21 6.35 0.22 -13.96
C LEU B 21 7.70 0.64 -13.39
N GLY B 22 8.71 0.69 -14.25
CA GLY B 22 10.05 1.10 -13.85
C GLY B 22 10.89 1.56 -15.03
N PHE B 26 19.88 2.42 -21.30
CA PHE B 26 18.98 2.43 -20.14
C PHE B 26 17.67 1.73 -20.49
N GLY B 27 17.28 0.75 -19.67
CA GLY B 27 16.11 -0.07 -19.95
C GLY B 27 14.80 0.50 -19.43
N GLN B 28 13.74 -0.30 -19.55
CA GLN B 28 12.40 0.10 -19.13
C GLN B 28 11.47 -1.10 -19.08
N VAL B 29 10.46 -1.05 -18.21
CA VAL B 29 9.44 -2.09 -18.14
C VAL B 29 8.04 -1.48 -18.10
N VAL B 30 7.29 -1.61 -19.18
CA VAL B 30 5.97 -1.01 -19.25
C VAL B 30 4.88 -2.06 -19.10
N ARG B 31 3.68 -1.60 -18.76
CA ARG B 31 2.53 -2.48 -18.68
C ARG B 31 1.77 -2.38 -19.99
N ALA B 32 1.19 -3.49 -20.42
CA ALA B 32 0.58 -3.54 -21.74
C ALA B 32 -0.61 -4.49 -21.80
N GLU B 33 -1.57 -4.15 -22.65
CA GLU B 33 -2.69 -5.03 -22.92
C GLU B 33 -2.35 -5.86 -24.16
N ALA B 34 -2.45 -7.18 -24.03
CA ALA B 34 -2.11 -8.06 -25.14
C ALA B 34 -3.31 -8.89 -25.57
N PHE B 35 -3.54 -8.94 -26.88
CA PHE B 35 -4.65 -9.69 -27.44
C PHE B 35 -4.18 -10.99 -28.08
N GLY B 36 -4.53 -12.11 -27.45
CA GLY B 36 -4.18 -13.41 -27.99
C GLY B 36 -2.86 -13.96 -27.49
N MET B 37 -2.45 -13.52 -26.30
CA MET B 37 -1.24 -14.05 -25.66
C MET B 37 -1.39 -15.55 -25.45
N ASP B 38 -2.60 -15.97 -25.15
CA ASP B 38 -2.97 -17.38 -25.16
C ASP B 38 -3.59 -17.68 -26.53
N PRO B 39 -2.85 -18.40 -27.38
CA PRO B 39 -3.24 -18.71 -28.77
C PRO B 39 -4.60 -19.39 -28.89
N ALA B 40 -4.97 -20.18 -27.89
CA ALA B 40 -6.27 -20.84 -27.89
C ALA B 40 -7.41 -19.83 -27.80
N ARG B 41 -7.14 -18.69 -27.16
CA ARG B 41 -8.13 -17.62 -27.07
C ARG B 41 -7.54 -16.33 -27.64
N PRO B 42 -7.45 -16.25 -28.98
CA PRO B 42 -6.73 -15.16 -29.66
C PRO B 42 -7.37 -13.78 -29.50
N ASP B 43 -8.59 -13.70 -28.97
CA ASP B 43 -9.26 -12.41 -28.87
C ASP B 43 -9.45 -11.92 -27.44
N GLN B 44 -8.98 -12.71 -26.47
CA GLN B 44 -9.07 -12.29 -25.07
C GLN B 44 -7.94 -11.33 -24.74
N ALA B 45 -8.19 -10.45 -23.77
CA ALA B 45 -7.20 -9.47 -23.35
C ALA B 45 -6.53 -9.89 -22.04
N SER B 46 -5.24 -9.62 -21.94
CA SER B 46 -4.49 -9.90 -20.73
C SER B 46 -3.41 -8.84 -20.52
N THR B 47 -3.22 -8.42 -19.27
CA THR B 47 -2.20 -7.44 -18.96
C THR B 47 -0.84 -8.12 -18.82
N VAL B 48 0.17 -7.58 -19.49
CA VAL B 48 1.50 -8.17 -19.49
C VAL B 48 2.58 -7.14 -19.23
N ALA B 49 3.77 -7.62 -18.84
CA ALA B 49 4.91 -6.75 -18.67
C ALA B 49 5.81 -6.81 -19.89
N VAL B 50 6.17 -5.65 -20.41
CA VAL B 50 6.99 -5.57 -21.60
C VAL B 50 8.35 -4.95 -21.30
N LYS B 51 9.39 -5.77 -21.34
CA LYS B 51 10.74 -5.29 -21.17
C LYS B 51 11.24 -4.67 -22.47
N MET B 52 11.88 -3.50 -22.37
CA MET B 52 12.35 -2.81 -23.56
C MET B 52 13.49 -1.84 -23.25
N LEU B 53 14.14 -1.35 -24.29
CA LEU B 53 15.23 -0.39 -24.14
C LEU B 53 14.73 1.02 -24.39
N LYS B 54 15.48 2.02 -23.95
CA LYS B 54 15.23 3.39 -24.35
C LYS B 54 16.05 3.67 -25.59
N ASP B 55 15.78 4.79 -26.25
CA ASP B 55 16.45 5.11 -27.51
C ASP B 55 17.89 5.55 -27.30
N ASN B 56 18.30 5.70 -26.04
CA ASN B 56 19.66 6.10 -25.72
C ASN B 56 20.47 4.94 -25.14
N ALA B 57 20.07 3.72 -25.46
CA ALA B 57 20.77 2.52 -25.00
C ALA B 57 21.85 2.13 -25.99
N SER B 58 22.86 1.43 -25.49
CA SER B 58 23.97 1.00 -26.34
C SER B 58 23.71 -0.40 -26.90
N ASP B 59 24.57 -0.81 -27.82
CA ASP B 59 24.47 -2.14 -28.41
C ASP B 59 24.64 -3.22 -27.36
N LYS B 60 25.40 -2.91 -26.31
CA LYS B 60 25.60 -3.84 -25.20
C LYS B 60 24.29 -4.11 -24.47
N ASP B 61 23.56 -3.04 -24.15
CA ASP B 61 22.25 -3.15 -23.52
C ASP B 61 21.33 -4.03 -24.35
N LEU B 62 21.38 -3.85 -25.66
CA LEU B 62 20.65 -4.70 -26.58
C LEU B 62 21.11 -6.14 -26.45
N ALA B 63 22.43 -6.31 -26.48
CA ALA B 63 23.05 -7.63 -26.33
C ALA B 63 22.66 -8.23 -24.99
N ASP B 64 22.64 -7.39 -23.95
CA ASP B 64 22.30 -7.83 -22.61
C ASP B 64 20.85 -8.28 -22.53
N LEU B 65 19.96 -7.54 -23.22
CA LEU B 65 18.55 -7.85 -23.20
C LEU B 65 18.23 -9.08 -24.04
N VAL B 66 18.97 -9.26 -25.13
CA VAL B 66 18.79 -10.44 -25.97
C VAL B 66 19.25 -11.69 -25.23
N SER B 67 20.38 -11.59 -24.53
CA SER B 67 20.92 -12.71 -23.77
C SER B 67 19.94 -13.16 -22.69
N GLU B 68 19.32 -12.21 -22.00
CA GLU B 68 18.35 -12.53 -20.97
C GLU B 68 17.17 -13.28 -21.57
N MET B 69 16.72 -12.79 -22.72
CA MET B 69 15.62 -13.40 -23.44
C MET B 69 15.97 -14.84 -23.84
N GLU B 70 17.19 -15.03 -24.32
CA GLU B 70 17.66 -16.36 -24.71
C GLU B 70 17.71 -17.30 -23.52
N VAL B 71 18.06 -16.77 -22.36
CA VAL B 71 18.10 -17.55 -21.13
C VAL B 71 16.69 -18.00 -20.74
N MET B 72 15.74 -17.08 -20.82
CA MET B 72 14.36 -17.38 -20.46
C MET B 72 13.75 -18.44 -21.38
N LYS B 73 14.24 -18.52 -22.61
CA LYS B 73 13.81 -19.55 -23.54
C LYS B 73 14.36 -20.91 -23.12
N LEU B 74 15.62 -20.92 -22.70
CA LEU B 74 16.29 -22.14 -22.30
C LEU B 74 15.75 -22.68 -20.98
N ILE B 75 15.60 -21.78 -19.99
CA ILE B 75 15.13 -22.15 -18.66
C ILE B 75 13.81 -22.94 -18.71
N GLY B 76 12.93 -22.54 -19.62
CA GLY B 76 11.65 -23.21 -19.76
C GLY B 76 10.60 -22.61 -18.85
N ARG B 77 9.40 -23.16 -18.93
CA ARG B 77 8.26 -22.61 -18.18
C ARG B 77 8.04 -23.32 -16.86
N HIS B 78 7.76 -22.54 -15.82
CA HIS B 78 7.34 -23.09 -14.55
C HIS B 78 6.47 -22.06 -13.85
N LYS B 79 5.52 -22.54 -13.05
CA LYS B 79 4.52 -21.67 -12.45
C LYS B 79 5.14 -20.62 -11.53
N ASN B 80 6.23 -20.98 -10.86
CA ASN B 80 6.80 -20.12 -9.82
C ASN B 80 7.99 -19.28 -10.27
N ILE B 81 8.07 -18.98 -11.56
CA ILE B 81 9.05 -18.03 -12.05
C ILE B 81 8.36 -17.04 -12.96
N ILE B 82 9.00 -15.90 -13.21
CA ILE B 82 8.52 -14.97 -14.21
C ILE B 82 8.76 -15.58 -15.59
N ASN B 83 7.67 -15.89 -16.29
CA ASN B 83 7.77 -16.62 -17.54
C ASN B 83 7.78 -15.71 -18.76
N LEU B 84 8.53 -16.12 -19.78
CA LEU B 84 8.51 -15.43 -21.07
C LEU B 84 7.19 -15.74 -21.78
N LEU B 85 6.58 -14.72 -22.38
CA LEU B 85 5.28 -14.90 -23.01
C LEU B 85 5.37 -14.77 -24.53
N GLY B 86 6.24 -13.90 -25.00
CA GLY B 86 6.43 -13.67 -26.42
C GLY B 86 7.46 -12.58 -26.64
N VAL B 87 7.80 -12.34 -27.90
CA VAL B 87 8.76 -11.30 -28.23
C VAL B 87 8.34 -10.49 -29.46
N CYS B 88 8.77 -9.24 -29.53
CA CYS B 88 8.66 -8.43 -30.73
C CYS B 88 10.06 -7.98 -31.12
N THR B 89 10.56 -8.48 -32.25
CA THR B 89 11.96 -8.29 -32.61
C THR B 89 12.14 -7.50 -33.89
N GLN B 90 11.14 -7.53 -34.75
CA GLN B 90 11.27 -6.94 -36.08
C GLN B 90 10.48 -5.64 -36.24
N GLU B 91 10.97 -4.77 -37.12
CA GLU B 91 10.27 -3.56 -37.52
C GLU B 91 9.83 -2.71 -36.35
N GLY B 92 10.76 -2.44 -35.43
CA GLY B 92 10.47 -1.61 -34.28
C GLY B 92 11.33 -1.99 -33.09
N PRO B 93 11.02 -1.43 -31.91
CA PRO B 93 11.75 -1.67 -30.67
C PRO B 93 11.68 -3.13 -30.22
N LEU B 94 12.73 -3.61 -29.57
CA LEU B 94 12.73 -4.97 -29.04
C LEU B 94 11.82 -5.09 -27.82
N TYR B 95 10.84 -5.97 -27.91
CA TYR B 95 9.93 -6.20 -26.79
C TYR B 95 10.08 -7.60 -26.23
N VAL B 96 10.51 -7.71 -24.98
CA VAL B 96 10.53 -8.99 -24.29
C VAL B 96 9.33 -9.08 -23.35
N ILE B 97 8.36 -9.91 -23.73
CA ILE B 97 7.08 -9.94 -23.02
C ILE B 97 7.05 -11.02 -21.94
N VAL B 98 6.91 -10.60 -20.70
CA VAL B 98 6.85 -11.51 -19.57
C VAL B 98 5.54 -11.36 -18.81
N GLU B 99 5.27 -12.29 -17.89
CA GLU B 99 4.05 -12.26 -17.09
C GLU B 99 4.06 -11.11 -16.10
N CYS B 100 2.89 -10.80 -15.54
CA CYS B 100 2.81 -9.74 -14.54
C CYS B 100 2.78 -10.26 -13.12
N ALA B 101 3.26 -9.41 -12.22
CA ALA B 101 3.08 -9.61 -10.79
C ALA B 101 2.44 -8.36 -10.20
N ALA B 102 1.12 -8.30 -10.24
CA ALA B 102 0.39 -7.09 -9.87
C ALA B 102 0.56 -6.69 -8.41
N LYS B 103 1.17 -7.56 -7.60
CA LYS B 103 1.34 -7.28 -6.19
C LYS B 103 2.79 -7.10 -5.77
N GLY B 104 3.63 -6.66 -6.70
CA GLY B 104 5.01 -6.35 -6.40
C GLY B 104 5.83 -7.50 -5.85
N ASN B 105 6.96 -7.19 -5.24
CA ASN B 105 7.86 -8.21 -4.72
C ASN B 105 7.40 -8.72 -3.36
N LEU B 106 7.78 -9.96 -3.05
CA LEU B 106 7.33 -10.64 -1.83
C LEU B 106 7.59 -9.86 -0.55
N ARG B 107 8.73 -9.16 -0.51
CA ARG B 107 9.08 -8.38 0.66
C ARG B 107 8.00 -7.35 0.97
N GLU B 108 7.72 -6.49 0.01
CA GLU B 108 6.70 -5.45 0.19
C GLU B 108 5.31 -6.04 0.34
N PHE B 109 5.06 -7.16 -0.34
CA PHE B 109 3.78 -7.86 -0.24
C PHE B 109 3.47 -8.27 1.20
N LEU B 110 4.50 -8.68 1.94
CA LEU B 110 4.34 -9.09 3.33
C LEU B 110 4.24 -7.91 4.29
N ARG B 111 5.02 -6.87 4.05
CA ARG B 111 5.05 -5.71 4.91
C ARG B 111 3.73 -4.95 4.86
N ALA B 112 3.13 -4.92 3.68
CA ALA B 112 1.89 -4.17 3.46
C ALA B 112 0.71 -4.79 4.21
N ARG B 113 0.79 -6.09 4.46
CA ARG B 113 -0.30 -6.80 5.12
C ARG B 113 0.03 -7.10 6.57
N ARG B 114 0.99 -6.36 7.12
CA ARG B 114 1.34 -6.43 8.53
C ARG B 114 0.31 -5.71 9.39
N PRO B 115 0.05 -6.24 10.59
CA PRO B 115 -0.67 -5.46 11.59
C PRO B 115 0.24 -4.39 12.20
N PRO B 116 -0.11 -3.11 12.02
CA PRO B 116 0.69 -2.02 12.59
C PRO B 116 0.64 -1.99 14.12
N GLY B 130 -3.98 -13.00 10.66
CA GLY B 130 -5.08 -12.30 10.03
C GLY B 130 -5.13 -12.55 8.54
N PRO B 131 -4.94 -11.48 7.73
CA PRO B 131 -4.92 -11.59 6.27
C PRO B 131 -3.79 -12.50 5.80
N LEU B 132 -2.61 -12.36 6.40
CA LEU B 132 -1.49 -13.25 6.13
C LEU B 132 -1.57 -14.47 7.03
N SER B 133 -2.42 -15.41 6.67
CA SER B 133 -2.61 -16.63 7.44
C SER B 133 -1.37 -17.50 7.40
N PHE B 134 -1.25 -18.40 8.37
CA PHE B 134 -0.12 -19.33 8.40
C PHE B 134 -0.09 -20.28 7.18
N PRO B 135 -1.25 -20.78 6.72
CA PRO B 135 -1.19 -21.52 5.45
C PRO B 135 -0.67 -20.66 4.30
N VAL B 136 -0.97 -19.36 4.32
CA VAL B 136 -0.52 -18.46 3.26
C VAL B 136 0.99 -18.32 3.27
N LEU B 137 1.56 -18.09 4.45
CA LEU B 137 3.00 -17.97 4.61
C LEU B 137 3.71 -19.26 4.19
N VAL B 138 3.16 -20.40 4.61
CA VAL B 138 3.71 -21.70 4.26
C VAL B 138 3.66 -21.93 2.75
N SER B 139 2.54 -21.56 2.14
CA SER B 139 2.39 -21.70 0.69
C SER B 139 3.45 -20.90 -0.04
N CYS B 140 3.69 -19.67 0.40
CA CYS B 140 4.74 -18.83 -0.18
C CYS B 140 6.09 -19.56 -0.14
N ALA B 141 6.46 -20.05 1.03
CA ALA B 141 7.68 -20.81 1.19
C ALA B 141 7.71 -21.99 0.24
N TYR B 142 6.57 -22.68 0.14
CA TYR B 142 6.44 -23.85 -0.71
C TYR B 142 6.66 -23.50 -2.18
N GLN B 143 5.99 -22.44 -2.64
CA GLN B 143 6.03 -22.07 -4.04
C GLN B 143 7.42 -21.61 -4.46
N VAL B 144 8.07 -20.81 -3.62
CA VAL B 144 9.43 -20.35 -3.88
C VAL B 144 10.36 -21.55 -3.98
N ALA B 145 10.18 -22.50 -3.07
CA ALA B 145 10.95 -23.74 -3.08
C ALA B 145 10.73 -24.51 -4.38
N ARG B 146 9.47 -24.67 -4.76
CA ARG B 146 9.12 -25.38 -6.00
C ARG B 146 9.80 -24.76 -7.20
N GLY B 147 9.72 -23.44 -7.30
CA GLY B 147 10.34 -22.71 -8.40
C GLY B 147 11.84 -22.81 -8.36
N MET B 148 12.39 -22.78 -7.16
CA MET B 148 13.83 -22.85 -7.01
C MET B 148 14.33 -24.25 -7.39
N GLN B 149 13.52 -25.25 -7.10
CA GLN B 149 13.84 -26.63 -7.46
C GLN B 149 13.91 -26.77 -8.98
N TYR B 150 12.99 -26.12 -9.67
CA TYR B 150 12.97 -26.16 -11.13
C TYR B 150 14.20 -25.45 -11.70
N LEU B 151 14.57 -24.32 -11.11
CA LEU B 151 15.73 -23.56 -11.57
C LEU B 151 17.02 -24.32 -11.30
N GLU B 152 17.01 -25.15 -10.27
CA GLU B 152 18.13 -26.04 -10.00
C GLU B 152 18.27 -27.04 -11.14
N SER B 153 17.15 -27.67 -11.50
CA SER B 153 17.13 -28.73 -12.49
C SER B 153 17.48 -28.24 -13.90
N ARG B 154 17.43 -26.93 -14.09
CA ARG B 154 17.78 -26.35 -15.38
C ARG B 154 19.23 -25.88 -15.39
N LYS B 155 20.01 -26.38 -14.44
CA LYS B 155 21.41 -26.01 -14.25
C LYS B 155 21.57 -24.49 -14.24
N CYS B 156 20.92 -23.85 -13.28
CA CYS B 156 20.93 -22.39 -13.18
C CYS B 156 20.96 -21.92 -11.72
N ILE B 157 22.09 -21.31 -11.34
CA ILE B 157 22.25 -20.73 -10.01
C ILE B 157 21.91 -19.24 -10.07
N HIS B 158 21.20 -18.76 -9.05
CA HIS B 158 20.54 -17.45 -9.13
C HIS B 158 21.50 -16.23 -9.06
N ARG B 159 22.32 -16.05 -8.01
CA ARG B 159 22.38 -16.83 -6.79
C ARG B 159 21.71 -16.06 -5.66
N ASP B 160 21.57 -14.75 -5.84
CA ASP B 160 20.94 -13.88 -4.86
C ASP B 160 19.45 -14.18 -4.74
N LEU B 161 19.10 -15.08 -3.84
CA LEU B 161 17.70 -15.38 -3.59
C LEU B 161 17.20 -14.70 -2.31
N ALA B 162 16.55 -13.56 -2.49
CA ALA B 162 15.93 -12.85 -1.38
C ALA B 162 14.44 -12.63 -1.68
N ALA B 163 13.70 -12.22 -0.66
CA ALA B 163 12.26 -11.99 -0.82
C ALA B 163 11.98 -10.92 -1.87
N ARG B 164 12.89 -9.97 -2.01
CA ARG B 164 12.72 -8.88 -2.96
C ARG B 164 12.88 -9.34 -4.41
N ASN B 165 13.47 -10.53 -4.59
CA ASN B 165 13.64 -11.09 -5.92
C ASN B 165 12.50 -12.01 -6.31
N VAL B 166 11.51 -12.13 -5.43
CA VAL B 166 10.33 -12.93 -5.70
C VAL B 166 9.12 -12.03 -5.90
N LEU B 167 8.48 -12.14 -7.06
CA LEU B 167 7.34 -11.31 -7.38
C LEU B 167 6.03 -12.03 -7.10
N VAL B 168 4.95 -11.27 -6.90
CA VAL B 168 3.67 -11.86 -6.51
C VAL B 168 2.55 -11.47 -7.47
N THR B 169 1.86 -12.47 -8.02
CA THR B 169 0.77 -12.23 -8.96
C THR B 169 -0.54 -11.97 -8.23
N GLU B 170 -1.58 -11.59 -8.98
CA GLU B 170 -2.89 -11.33 -8.42
C GLU B 170 -3.47 -12.54 -7.69
N ASP B 171 -3.12 -13.73 -8.17
CA ASP B 171 -3.62 -14.97 -7.58
C ASP B 171 -2.78 -15.40 -6.38
N ASN B 172 -1.95 -14.49 -5.88
CA ASN B 172 -1.05 -14.77 -4.75
C ASN B 172 -0.10 -15.91 -5.06
N VAL B 173 0.49 -15.89 -6.26
CA VAL B 173 1.44 -16.90 -6.68
C VAL B 173 2.85 -16.33 -6.73
N MET B 174 3.77 -17.02 -6.05
CA MET B 174 5.18 -16.61 -6.04
C MET B 174 5.81 -16.86 -7.40
N LYS B 175 6.60 -15.90 -7.87
CA LYS B 175 7.30 -16.04 -9.13
C LYS B 175 8.70 -15.43 -9.07
N ILE B 176 9.71 -16.30 -9.00
CA ILE B 176 11.10 -15.87 -8.95
C ILE B 176 11.50 -15.12 -10.21
N ALA B 177 12.24 -14.04 -10.04
CA ALA B 177 12.70 -13.22 -11.16
C ALA B 177 14.21 -13.08 -11.17
N ASP B 178 14.73 -12.43 -12.22
CA ASP B 178 16.15 -12.10 -12.34
C ASP B 178 17.06 -13.32 -12.35
N PHE B 179 16.60 -14.41 -12.96
CA PHE B 179 17.42 -15.61 -13.08
C PHE B 179 18.15 -15.67 -14.41
N GLY B 180 18.04 -14.60 -15.19
CA GLY B 180 18.71 -14.52 -16.48
C GLY B 180 19.63 -13.32 -16.60
N PRO B 200 24.20 -7.18 0.37
CA PRO B 200 23.78 -8.52 -0.03
C PRO B 200 24.41 -9.61 0.82
N VAL B 201 25.12 -9.20 1.86
CA VAL B 201 25.87 -10.13 2.71
C VAL B 201 24.96 -11.02 3.57
N LYS B 202 23.85 -10.44 4.03
CA LYS B 202 22.92 -11.16 4.90
C LYS B 202 22.43 -12.47 4.29
N TRP B 203 22.28 -12.48 2.96
CA TRP B 203 21.69 -13.62 2.26
C TRP B 203 22.73 -14.62 1.78
N MET B 204 23.99 -14.20 1.75
CA MET B 204 25.05 -15.03 1.20
C MET B 204 25.57 -16.07 2.19
N ALA B 205 25.67 -17.31 1.72
CA ALA B 205 26.28 -18.39 2.47
C ALA B 205 27.73 -18.06 2.80
N PRO B 206 28.27 -18.64 3.88
CA PRO B 206 29.65 -18.39 4.28
C PRO B 206 30.65 -18.73 3.18
N GLU B 207 30.38 -19.83 2.47
CA GLU B 207 31.22 -20.27 1.36
C GLU B 207 31.27 -19.23 0.26
N ALA B 208 30.15 -18.55 0.04
CA ALA B 208 30.03 -17.53 -1.00
C ALA B 208 30.64 -16.23 -0.52
N LEU B 209 30.54 -15.98 0.78
CA LEU B 209 31.10 -14.79 1.39
C LEU B 209 32.63 -14.77 1.29
N PHE B 210 33.27 -15.72 1.94
CA PHE B 210 34.73 -15.75 2.04
C PHE B 210 35.39 -16.35 0.81
N ASP B 211 35.06 -17.60 0.50
CA ASP B 211 35.73 -18.33 -0.58
C ASP B 211 35.16 -17.99 -1.95
N ARG B 212 34.10 -17.17 -1.97
CA ARG B 212 33.44 -16.77 -3.21
C ARG B 212 32.97 -17.96 -4.03
N VAL B 213 32.43 -18.97 -3.36
CA VAL B 213 31.95 -20.18 -4.02
C VAL B 213 30.43 -20.18 -4.13
N TYR B 214 29.92 -20.09 -5.35
CA TYR B 214 28.48 -20.10 -5.59
C TYR B 214 27.98 -21.46 -6.08
N THR B 215 27.23 -22.15 -5.23
CA THR B 215 26.71 -23.48 -5.58
C THR B 215 25.20 -23.58 -5.38
N HIS B 216 24.64 -24.72 -5.75
CA HIS B 216 23.22 -24.99 -5.52
C HIS B 216 22.88 -25.00 -4.04
N GLN B 217 23.87 -25.32 -3.21
CA GLN B 217 23.64 -25.40 -1.77
C GLN B 217 23.78 -24.05 -1.09
N SER B 218 24.56 -23.15 -1.69
CA SER B 218 24.65 -21.79 -1.18
C SER B 218 23.32 -21.08 -1.40
N ASP B 219 22.59 -21.52 -2.42
CA ASP B 219 21.25 -21.03 -2.68
C ASP B 219 20.29 -21.49 -1.58
N VAL B 220 20.54 -22.70 -1.07
CA VAL B 220 19.72 -23.27 0.01
C VAL B 220 19.89 -22.44 1.27
N TRP B 221 21.08 -21.91 1.47
CA TRP B 221 21.34 -20.99 2.58
C TRP B 221 20.48 -19.76 2.39
N SER B 222 20.53 -19.19 1.19
CA SER B 222 19.78 -17.98 0.87
C SER B 222 18.29 -18.21 0.99
N PHE B 223 17.84 -19.42 0.66
CA PHE B 223 16.44 -19.78 0.79
C PHE B 223 16.02 -19.78 2.26
N GLY B 224 16.91 -20.26 3.11
CA GLY B 224 16.65 -20.29 4.54
C GLY B 224 16.45 -18.89 5.08
N ILE B 225 17.23 -17.95 4.56
CA ILE B 225 17.06 -16.55 4.91
C ILE B 225 15.71 -16.05 4.39
N LEU B 226 15.38 -16.44 3.16
CA LEU B 226 14.10 -16.08 2.56
C LEU B 226 12.95 -16.70 3.35
N LEU B 227 13.20 -17.89 3.90
CA LEU B 227 12.24 -18.52 4.80
C LEU B 227 11.98 -17.61 5.99
N TRP B 228 13.08 -17.12 6.56
CA TRP B 228 13.02 -16.23 7.72
C TRP B 228 12.26 -14.95 7.39
N GLU B 229 12.50 -14.42 6.20
CA GLU B 229 11.83 -13.21 5.75
C GLU B 229 10.33 -13.43 5.66
N ILE B 230 9.93 -14.64 5.28
CA ILE B 230 8.52 -14.92 5.10
C ILE B 230 7.79 -14.95 6.43
N PHE B 231 8.36 -15.64 7.41
CA PHE B 231 7.69 -15.82 8.70
C PHE B 231 7.96 -14.69 9.69
N THR B 232 8.70 -13.67 9.25
CA THR B 232 8.79 -12.42 10.00
C THR B 232 8.00 -11.34 9.26
N LEU B 233 7.18 -11.79 8.31
CA LEU B 233 6.37 -10.91 7.48
C LEU B 233 7.20 -9.87 6.74
N GLY B 234 8.39 -10.27 6.28
CA GLY B 234 9.24 -9.39 5.51
C GLY B 234 10.22 -8.62 6.37
N GLY B 235 10.64 -9.22 7.48
CA GLY B 235 11.57 -8.57 8.38
C GLY B 235 12.99 -8.56 7.84
N SER B 236 13.76 -7.54 8.22
CA SER B 236 15.15 -7.43 7.81
C SER B 236 16.03 -8.41 8.59
N PRO B 237 16.75 -9.28 7.87
CA PRO B 237 17.64 -10.30 8.44
C PRO B 237 18.69 -9.69 9.37
N TYR B 238 18.95 -10.36 10.49
CA TYR B 238 19.93 -9.92 11.47
C TYR B 238 19.73 -8.46 11.90
N PRO B 239 18.61 -8.19 12.59
CA PRO B 239 18.24 -6.82 12.95
C PRO B 239 19.22 -6.14 13.91
N GLY B 240 19.75 -4.99 13.51
CA GLY B 240 20.62 -4.21 14.36
C GLY B 240 22.09 -4.63 14.35
N ILE B 241 22.35 -5.84 13.87
CA ILE B 241 23.72 -6.34 13.77
C ILE B 241 24.45 -5.70 12.59
N PRO B 242 25.62 -5.11 12.86
CA PRO B 242 26.45 -4.54 11.78
C PRO B 242 26.99 -5.65 10.88
N VAL B 243 27.00 -5.40 9.57
CA VAL B 243 27.40 -6.43 8.61
C VAL B 243 28.89 -6.79 8.71
N GLU B 244 29.66 -5.95 9.39
CA GLU B 244 31.08 -6.22 9.59
C GLU B 244 31.32 -7.18 10.74
N GLU B 245 30.27 -7.44 11.52
CA GLU B 245 30.37 -8.37 12.65
C GLU B 245 29.63 -9.67 12.34
N LEU B 246 28.78 -9.64 11.33
CA LEU B 246 27.97 -10.80 10.95
C LEU B 246 28.83 -12.01 10.60
N PHE B 247 29.89 -11.79 9.83
CA PHE B 247 30.76 -12.87 9.39
C PHE B 247 31.44 -13.56 10.58
N SER B 248 31.62 -12.82 11.66
CA SER B 248 32.23 -13.37 12.87
C SER B 248 31.21 -14.13 13.71
N LEU B 249 29.97 -13.66 13.70
CA LEU B 249 28.89 -14.32 14.43
C LEU B 249 28.54 -15.66 13.81
N LEU B 250 28.60 -15.72 12.48
CA LEU B 250 28.31 -16.97 11.76
C LEU B 250 29.39 -18.01 12.01
N ARG B 251 30.63 -17.56 12.13
CA ARG B 251 31.76 -18.46 12.35
C ARG B 251 31.69 -19.11 13.72
N GLU B 252 31.01 -18.45 14.66
CA GLU B 252 30.85 -18.98 16.01
C GLU B 252 29.63 -19.87 16.12
N GLY B 253 28.89 -20.01 15.01
CA GLY B 253 27.77 -20.92 14.95
C GLY B 253 26.43 -20.31 15.34
N HIS B 254 26.39 -18.99 15.47
CA HIS B 254 25.15 -18.30 15.81
C HIS B 254 24.27 -18.09 14.59
N ARG B 255 22.97 -18.27 14.77
CA ARG B 255 21.99 -18.00 13.72
C ARG B 255 20.90 -17.12 14.29
N MET B 256 20.00 -16.65 13.44
CA MET B 256 18.88 -15.83 13.89
C MET B 256 17.98 -16.64 14.81
N ASP B 257 17.32 -15.96 15.73
CA ASP B 257 16.39 -16.63 16.65
C ASP B 257 15.08 -16.96 15.94
N ARG B 258 14.37 -17.94 16.49
CA ARG B 258 13.07 -18.34 15.95
C ARG B 258 12.08 -17.18 15.95
N PRO B 259 11.60 -16.80 14.76
CA PRO B 259 10.63 -15.71 14.59
C PRO B 259 9.39 -15.90 15.46
N PRO B 260 8.72 -14.80 15.82
CA PRO B 260 7.48 -14.86 16.60
C PRO B 260 6.40 -15.70 15.91
N HIS B 261 5.78 -16.59 16.69
CA HIS B 261 4.70 -17.45 16.20
C HIS B 261 5.14 -18.40 15.09
N CYS B 262 6.45 -18.57 14.92
CA CYS B 262 6.97 -19.51 13.92
C CYS B 262 7.21 -20.89 14.55
N PRO B 263 6.54 -21.91 14.02
CA PRO B 263 6.62 -23.28 14.54
C PRO B 263 8.04 -23.84 14.48
N PRO B 264 8.39 -24.75 15.41
CA PRO B 264 9.71 -25.37 15.47
C PRO B 264 10.08 -26.08 14.18
N GLU B 265 9.08 -26.70 13.55
CA GLU B 265 9.27 -27.40 12.28
C GLU B 265 9.92 -26.50 11.25
N LEU B 266 9.41 -25.27 11.14
CA LEU B 266 9.88 -24.33 10.13
C LEU B 266 11.18 -23.66 10.54
N TYR B 267 11.35 -23.40 11.83
CA TYR B 267 12.61 -22.85 12.31
C TYR B 267 13.69 -23.92 12.19
N GLY B 268 13.30 -25.17 12.36
CA GLY B 268 14.21 -26.28 12.15
C GLY B 268 14.69 -26.32 10.72
N LEU B 269 13.77 -26.12 9.78
CA LEU B 269 14.09 -26.06 8.36
C LEU B 269 15.09 -24.96 8.07
N MET B 270 14.87 -23.79 8.68
CA MET B 270 15.77 -22.67 8.51
C MET B 270 17.18 -23.03 8.97
N ARG B 271 17.27 -23.67 10.13
CA ARG B 271 18.55 -24.06 10.70
C ARG B 271 19.28 -25.04 9.78
N GLU B 272 18.54 -25.99 9.21
CA GLU B 272 19.14 -26.96 8.32
C GLU B 272 19.71 -26.28 7.08
N CYS B 273 19.08 -25.18 6.67
CA CYS B 273 19.56 -24.38 5.56
C CYS B 273 20.79 -23.58 5.95
N TRP B 274 20.97 -23.38 7.26
CA TRP B 274 22.04 -22.53 7.75
C TRP B 274 23.19 -23.35 8.34
N HIS B 275 23.32 -24.60 7.89
CA HIS B 275 24.42 -25.45 8.32
C HIS B 275 25.73 -24.97 7.73
N ALA B 276 26.80 -25.10 8.50
CA ALA B 276 28.14 -24.72 8.05
C ALA B 276 28.54 -25.52 6.82
N ALA B 277 28.47 -26.84 6.94
CA ALA B 277 28.80 -27.73 5.83
C ALA B 277 27.67 -27.75 4.83
N PRO B 278 27.99 -27.45 3.55
CA PRO B 278 27.01 -27.51 2.46
C PRO B 278 26.41 -28.91 2.28
N SER B 279 27.17 -29.93 2.65
CA SER B 279 26.73 -31.31 2.54
C SER B 279 25.54 -31.62 3.45
N GLN B 280 25.45 -30.89 4.55
CA GLN B 280 24.41 -31.14 5.55
C GLN B 280 23.20 -30.22 5.35
N ARG B 281 23.20 -29.47 4.26
CA ARG B 281 22.05 -28.63 3.93
C ARG B 281 21.06 -29.43 3.08
N PRO B 282 19.75 -29.25 3.34
CA PRO B 282 18.74 -29.99 2.59
C PRO B 282 18.71 -29.57 1.13
N THR B 283 18.45 -30.52 0.24
CA THR B 283 18.26 -30.19 -1.17
C THR B 283 16.90 -29.51 -1.33
N PHE B 284 16.71 -28.79 -2.44
CA PHE B 284 15.43 -28.13 -2.68
C PHE B 284 14.30 -29.14 -2.80
N LYS B 285 14.61 -30.31 -3.34
CA LYS B 285 13.65 -31.39 -3.43
C LYS B 285 13.12 -31.73 -2.04
N GLN B 286 14.03 -31.90 -1.09
CA GLN B 286 13.67 -32.17 0.29
C GLN B 286 12.90 -31.00 0.92
N LEU B 287 13.27 -29.78 0.52
CA LEU B 287 12.57 -28.60 0.99
C LEU B 287 11.13 -28.59 0.50
N VAL B 288 10.93 -28.96 -0.75
CA VAL B 288 9.60 -29.08 -1.31
C VAL B 288 8.79 -30.14 -0.55
N GLU B 289 9.41 -31.29 -0.32
CA GLU B 289 8.74 -32.39 0.38
C GLU B 289 8.32 -31.98 1.78
N ALA B 290 9.24 -31.32 2.49
CA ALA B 290 8.97 -30.88 3.86
C ALA B 290 7.84 -29.87 3.91
N LEU B 291 7.92 -28.85 3.06
CA LEU B 291 6.93 -27.78 3.06
C LEU B 291 5.57 -28.27 2.57
N ASP B 292 5.57 -29.30 1.74
CA ASP B 292 4.31 -29.88 1.28
C ASP B 292 3.62 -30.57 2.46
N LYS B 293 4.39 -31.30 3.24
CA LYS B 293 3.87 -31.99 4.42
C LYS B 293 3.30 -31.00 5.42
N VAL B 294 3.96 -29.87 5.57
CA VAL B 294 3.47 -28.80 6.43
C VAL B 294 2.17 -28.23 5.87
N LEU B 295 2.17 -27.99 4.55
CA LEU B 295 1.02 -27.42 3.86
C LEU B 295 -0.22 -28.32 3.98
N LEU B 296 -0.02 -29.61 3.72
CA LEU B 296 -1.11 -30.57 3.75
C LEU B 296 -1.66 -30.75 5.16
N ALA B 297 -0.79 -30.68 6.15
CA ALA B 297 -1.16 -30.91 7.54
C ALA B 297 -2.11 -29.84 8.07
N VAL B 298 -1.78 -28.57 7.78
CA VAL B 298 -2.54 -27.44 8.32
C VAL B 298 -3.94 -27.38 7.73
N SER B 299 -4.09 -27.86 6.49
CA SER B 299 -5.38 -27.87 5.81
C SER B 299 -6.42 -28.69 6.58
N GLU B 300 -5.97 -29.72 7.28
CA GLU B 300 -6.86 -30.58 8.04
C GLU B 300 -7.41 -29.87 9.27
N GLU B 301 -6.53 -29.26 10.05
CA GLU B 301 -6.94 -28.53 11.24
C GLU B 301 -5.93 -27.42 11.59
FAN 7IF C . -13.22 16.94 24.46
CAM 7IF C . -14.04 17.06 23.43
FAO 7IF C . -13.54 16.36 22.34
FAP 7IF C . -15.27 16.54 23.76
CAK 7IF C . -14.19 18.47 23.12
OAL 7IF C . -13.51 19.37 23.96
CAB 7IF C . -15.53 18.89 22.51
CAC 7IF C . -16.23 19.86 23.25
CAD 7IF C . -17.49 20.27 22.78
NAA 7IF C . -16.05 18.34 21.40
CAF 7IF C . -17.27 18.72 20.90
CAE 7IF C . -18.02 19.67 21.56
CAG 7IF C . -19.31 20.08 21.03
CAH 7IF C . -19.79 19.47 19.82
CAI 7IF C . -18.97 18.49 19.19
NAJ 7IF C . -17.79 18.14 19.70
CAQ 7IF C . -17.12 17.15 18.93
OAR 7IF C . -17.69 16.76 17.96
NAS 7IF C . -15.90 16.65 19.28
CAT 7IF C . -15.14 15.66 18.58
CAU 7IF C . -15.76 14.72 17.71
NAY 7IF C . -13.87 15.61 18.80
CAX 7IF C . -13.07 14.72 18.22
CAW 7IF C . -13.59 13.74 17.33
CAZ 7IF C . -12.65 12.75 16.69
NBA 7IF C . -11.94 12.00 16.22
CAV 7IF C . -14.96 13.73 17.06
NBB 7IF C . -15.57 12.76 16.14
CBC 7IF C . -16.52 11.87 16.60
CBD 7IF C . -16.67 10.70 15.61
OBE 7IF C . -15.49 10.67 14.78
CBF 7IF C . -14.57 9.64 15.11
FAN 7IF D . 1.24 -5.09 -16.76
CAM 7IF D . 1.88 -5.53 -15.69
FAO 7IF D . 2.73 -4.55 -15.22
FAP 7IF D . 2.64 -6.61 -16.05
CAK 7IF D . 0.88 -5.84 -14.67
OAL 7IF D . -0.39 -6.25 -15.13
CAB 7IF D . 1.01 -5.15 -13.31
CAC 7IF D . -0.12 -4.45 -12.86
CAD 7IF D . -0.05 -3.78 -11.62
NAA 7IF D . 2.16 -5.15 -12.59
CAF 7IF D . 2.28 -4.51 -11.39
CAE 7IF D . 1.21 -3.82 -10.87
CAG 7IF D . 1.33 -3.15 -9.60
CAH 7IF D . 2.59 -3.21 -8.89
CAI 7IF D . 3.65 -3.94 -9.49
NAJ 7IF D . 3.50 -4.54 -10.66
CAQ 7IF D . 4.67 -5.23 -11.11
OAR 7IF D . 5.63 -5.19 -10.39
NAS 7IF D . 4.71 -5.93 -12.29
CAT 7IF D . 5.86 -6.62 -12.79
CAU 7IF D . 7.16 -6.06 -12.64
NAY 7IF D . 5.68 -7.75 -13.43
CAX 7IF D . 6.70 -8.43 -13.95
CAW 7IF D . 8.04 -7.96 -13.85
CAZ 7IF D . 9.18 -8.74 -14.44
NBA 7IF D . 10.04 -9.32 -14.88
CAV 7IF D . 8.28 -6.76 -13.18
NBB 7IF D . 9.63 -6.22 -13.03
CBC 7IF D . 10.16 -6.04 -11.78
CBD 7IF D . 10.44 -4.56 -11.52
OBE 7IF D . 9.72 -3.77 -12.50
CBF 7IF D . 10.55 -2.90 -13.24
#